data_9F2C
#
_entry.id   9F2C
#
_cell.length_a   52.655
_cell.length_b   64.294
_cell.length_c   79.846
_cell.angle_alpha   90.00
_cell.angle_beta   90.00
_cell.angle_gamma   90.00
#
_symmetry.space_group_name_H-M   'P 21 21 21'
#
loop_
_entity.id
_entity.type
_entity.pdbx_description
1 polymer 'hypothetical protein'
2 water water
#
_entity_poly.entity_id   1
_entity_poly.type   'polypeptide(L)'
_entity_poly.pdbx_seq_one_letter_code
;MAEMLVKSKVKEFVKSVDPEMRVSPEFYDALEAEVKALVEKAIKRAQAEGRKTLYARHV
;
_entity_poly.pdbx_strand_id   A,B,C,D
#
# COMPACT_ATOMS: atom_id res chain seq x y z
N ALA A 2 -19.69 6.14 4.96
CA ALA A 2 -19.15 7.55 5.13
C ALA A 2 -17.77 7.48 5.76
N GLU A 3 -17.57 8.00 7.00
CA GLU A 3 -16.31 7.86 7.78
C GLU A 3 -16.28 6.47 8.45
N MET A 4 -15.29 5.64 8.07
CA MET A 4 -15.19 4.23 8.49
C MET A 4 -14.40 4.11 9.80
N LEU A 5 -13.57 5.09 10.15
CA LEU A 5 -12.63 4.99 11.31
C LEU A 5 -13.24 5.68 12.53
N VAL A 6 -12.93 5.16 13.72
CA VAL A 6 -13.21 5.82 15.02
C VAL A 6 -11.91 6.50 15.46
N LYS A 7 -11.87 7.83 15.45
CA LYS A 7 -10.61 8.59 15.67
C LYS A 7 -10.08 8.28 17.08
N SER A 8 -10.95 8.16 18.08
CA SER A 8 -10.53 7.85 19.48
C SER A 8 -9.80 6.50 19.51
N LYS A 9 -10.23 5.54 18.69
CA LYS A 9 -9.63 4.17 18.64
C LYS A 9 -8.28 4.24 17.92
N VAL A 10 -8.17 5.07 16.88
CA VAL A 10 -6.88 5.33 16.19
C VAL A 10 -5.90 5.92 17.22
N LYS A 11 -6.34 6.92 17.99
CA LYS A 11 -5.50 7.59 19.02
C LYS A 11 -5.02 6.56 20.04
N GLU A 12 -5.95 5.72 20.55
CA GLU A 12 -5.65 4.64 21.52
C GLU A 12 -4.61 3.70 20.91
N PHE A 13 -4.77 3.30 19.65
CA PHE A 13 -3.83 2.37 18.98
C PHE A 13 -2.44 3.01 18.88
N VAL A 14 -2.37 4.27 18.45
CA VAL A 14 -1.09 5.04 18.35
C VAL A 14 -0.40 4.99 19.71
N LYS A 15 -1.13 5.26 20.79
CA LYS A 15 -0.57 5.30 22.16
C LYS A 15 -0.01 3.92 22.53
N SER A 16 -0.68 2.84 22.12
CA SER A 16 -0.26 1.44 22.39
C SER A 16 1.08 1.15 21.71
N VAL A 17 1.36 1.78 20.57
CA VAL A 17 2.64 1.59 19.82
C VAL A 17 3.70 2.56 20.38
N ASP A 18 3.38 3.84 20.49
CA ASP A 18 4.33 4.88 20.98
C ASP A 18 3.59 5.84 21.91
N PRO A 19 3.75 5.69 23.24
CA PRO A 19 3.11 6.58 24.21
C PRO A 19 3.39 8.08 24.06
N GLU A 20 4.51 8.46 23.43
CA GLU A 20 4.95 9.88 23.33
CA GLU A 20 4.95 9.88 23.33
C GLU A 20 4.50 10.50 22.01
N MET A 21 3.94 9.69 21.10
CA MET A 21 3.55 10.16 19.74
C MET A 21 2.23 10.91 19.83
N ARG A 22 2.20 12.15 19.35
CA ARG A 22 0.97 12.97 19.23
C ARG A 22 0.50 12.89 17.79
N VAL A 23 -0.78 13.19 17.57
CA VAL A 23 -1.44 13.01 16.24
C VAL A 23 -1.94 14.38 15.78
N SER A 24 -1.40 14.88 14.68
CA SER A 24 -1.89 16.13 14.02
C SER A 24 -3.28 15.87 13.46
N PRO A 25 -4.21 16.84 13.53
CA PRO A 25 -5.62 16.55 13.20
C PRO A 25 -5.78 15.97 11.78
N GLU A 26 -4.98 16.45 10.83
CA GLU A 26 -5.15 16.08 9.39
C GLU A 26 -4.64 14.64 9.16
N PHE A 27 -3.89 14.04 10.09
CA PHE A 27 -3.48 12.61 9.99
C PHE A 27 -4.73 11.71 9.93
N TYR A 28 -5.72 11.98 10.79
CA TYR A 28 -6.96 11.15 10.84
C TYR A 28 -7.64 11.15 9.46
N ASP A 29 -7.72 12.32 8.85
CA ASP A 29 -8.39 12.53 7.54
C ASP A 29 -7.58 11.79 6.46
N ALA A 30 -6.25 11.88 6.48
CA ALA A 30 -5.36 11.21 5.52
C ALA A 30 -5.47 9.68 5.70
N LEU A 31 -5.56 9.20 6.93
CA LEU A 31 -5.70 7.75 7.21
C LEU A 31 -7.05 7.27 6.65
N GLU A 32 -8.13 8.03 6.89
CA GLU A 32 -9.49 7.72 6.37
C GLU A 32 -9.43 7.60 4.84
N ALA A 33 -8.78 8.54 4.15
CA ALA A 33 -8.67 8.53 2.68
C ALA A 33 -7.92 7.26 2.21
N GLU A 34 -6.87 6.85 2.92
CA GLU A 34 -6.08 5.66 2.54
C GLU A 34 -6.92 4.40 2.73
N VAL A 35 -7.73 4.34 3.78
CA VAL A 35 -8.64 3.18 4.02
C VAL A 35 -9.66 3.10 2.88
N LYS A 36 -10.24 4.24 2.48
CA LYS A 36 -11.15 4.30 1.31
C LYS A 36 -10.43 3.77 0.07
N ALA A 37 -9.18 4.16 -0.17
CA ALA A 37 -8.37 3.72 -1.32
C ALA A 37 -8.17 2.19 -1.27
N LEU A 38 -7.87 1.63 -0.09
CA LEU A 38 -7.72 0.16 0.08
C LEU A 38 -9.03 -0.54 -0.28
N VAL A 39 -10.16 -0.02 0.18
CA VAL A 39 -11.49 -0.67 -0.05
C VAL A 39 -11.84 -0.55 -1.54
N GLU A 40 -11.56 0.59 -2.17
CA GLU A 40 -11.85 0.79 -3.62
C GLU A 40 -11.02 -0.21 -4.43
N LYS A 41 -9.76 -0.43 -4.03
CA LYS A 41 -8.87 -1.40 -4.72
C LYS A 41 -9.44 -2.81 -4.53
N ALA A 42 -9.85 -3.15 -3.31
CA ALA A 42 -10.46 -4.48 -2.99
C ALA A 42 -11.68 -4.70 -3.89
N ILE A 43 -12.54 -3.69 -4.03
CA ILE A 43 -13.76 -3.76 -4.88
C ILE A 43 -13.36 -4.04 -6.33
N LYS A 44 -12.31 -3.37 -6.84
CA LYS A 44 -11.83 -3.57 -8.23
C LYS A 44 -11.32 -5.01 -8.40
N ARG A 45 -10.66 -5.57 -7.38
CA ARG A 45 -10.14 -6.96 -7.42
C ARG A 45 -11.34 -7.92 -7.51
N ALA A 46 -12.38 -7.71 -6.69
CA ALA A 46 -13.57 -8.59 -6.64
C ALA A 46 -14.32 -8.49 -7.97
N GLN A 47 -14.49 -7.28 -8.50
CA GLN A 47 -15.18 -7.05 -9.79
C GLN A 47 -14.43 -7.74 -10.93
N ALA A 48 -13.08 -7.68 -10.93
CA ALA A 48 -12.24 -8.30 -11.98
C ALA A 48 -12.40 -9.83 -11.94
N GLU A 49 -12.71 -10.39 -10.78
CA GLU A 49 -12.93 -11.85 -10.55
C GLU A 49 -14.38 -12.23 -10.88
N GLY A 50 -15.27 -11.25 -11.02
CA GLY A 50 -16.71 -11.46 -11.27
C GLY A 50 -17.47 -11.80 -9.99
N ARG A 51 -16.95 -11.39 -8.83
CA ARG A 51 -17.57 -11.65 -7.50
C ARG A 51 -18.41 -10.44 -7.07
N LYS A 52 -19.46 -10.67 -6.28
CA LYS A 52 -20.30 -9.61 -5.65
C LYS A 52 -20.14 -9.68 -4.14
N THR A 53 -19.05 -10.28 -3.66
CA THR A 53 -18.67 -10.36 -2.23
C THR A 53 -17.19 -10.01 -2.08
N LEU A 54 -16.86 -9.17 -1.11
CA LEU A 54 -15.45 -8.89 -0.72
C LEU A 54 -15.00 -9.97 0.26
N TYR A 55 -13.92 -10.66 -0.07
CA TYR A 55 -13.25 -11.65 0.81
C TYR A 55 -11.96 -11.04 1.36
N ALA A 56 -11.44 -11.62 2.44
CA ALA A 56 -10.17 -11.18 3.08
C ALA A 56 -9.09 -11.03 2.00
N ARG A 57 -9.00 -11.99 1.07
CA ARG A 57 -7.93 -12.04 0.05
C ARG A 57 -8.04 -10.88 -0.94
N HIS A 58 -9.17 -10.14 -1.01
CA HIS A 58 -9.32 -8.96 -1.91
C HIS A 58 -8.63 -7.71 -1.33
N VAL A 59 -8.31 -7.70 -0.05
CA VAL A 59 -7.76 -6.49 0.64
C VAL A 59 -6.28 -6.31 0.26
N GLU B 3 -10.58 -2.11 17.97
CA GLU B 3 -11.15 -2.01 16.59
C GLU B 3 -11.28 -0.53 16.22
N MET B 4 -10.58 -0.12 15.15
CA MET B 4 -10.58 1.27 14.64
C MET B 4 -11.72 1.48 13.64
N LEU B 5 -12.25 0.41 13.04
CA LEU B 5 -13.28 0.51 11.96
C LEU B 5 -14.70 0.36 12.52
N VAL B 6 -15.67 1.05 11.92
CA VAL B 6 -17.13 0.84 12.13
C VAL B 6 -17.62 -0.02 10.96
N LYS B 7 -18.00 -1.26 11.23
CA LYS B 7 -18.32 -2.25 10.16
C LYS B 7 -19.49 -1.74 9.32
N SER B 8 -20.52 -1.17 9.94
CA SER B 8 -21.72 -0.64 9.25
C SER B 8 -21.30 0.46 8.26
N LYS B 9 -20.29 1.27 8.63
CA LYS B 9 -19.80 2.39 7.78
C LYS B 9 -18.98 1.86 6.62
N VAL B 10 -18.21 0.79 6.83
CA VAL B 10 -17.47 0.10 5.74
C VAL B 10 -18.50 -0.44 4.75
N LYS B 11 -19.54 -1.11 5.25
CA LYS B 11 -20.63 -1.68 4.39
C LYS B 11 -21.26 -0.55 3.56
N GLU B 12 -21.63 0.56 4.21
CA GLU B 12 -22.26 1.74 3.58
C GLU B 12 -21.32 2.29 2.50
N PHE B 13 -20.02 2.42 2.79
CA PHE B 13 -19.04 2.94 1.81
C PHE B 13 -18.97 2.02 0.59
N VAL B 14 -18.87 0.70 0.82
CA VAL B 14 -18.82 -0.31 -0.28
C VAL B 14 -20.06 -0.12 -1.16
N LYS B 15 -21.24 0.03 -0.56
CA LYS B 15 -22.51 0.20 -1.30
C LYS B 15 -22.46 1.48 -2.15
N SER B 16 -21.85 2.54 -1.65
CA SER B 16 -21.70 3.84 -2.36
C SER B 16 -20.85 3.66 -3.62
N VAL B 17 -19.90 2.71 -3.62
CA VAL B 17 -19.01 2.42 -4.78
C VAL B 17 -19.71 1.42 -5.71
N ASP B 18 -20.20 0.30 -5.18
CA ASP B 18 -20.88 -0.76 -5.98
C ASP B 18 -22.10 -1.22 -5.20
N PRO B 19 -23.32 -0.79 -5.61
CA PRO B 19 -24.56 -1.17 -4.93
C PRO B 19 -24.82 -2.66 -4.71
N GLU B 20 -24.23 -3.54 -5.54
CA GLU B 20 -24.47 -5.01 -5.47
C GLU B 20 -23.39 -5.71 -4.63
N MET B 21 -22.33 -5.00 -4.26
CA MET B 21 -21.15 -5.62 -3.58
C MET B 21 -21.47 -5.76 -2.08
N ARG B 22 -21.35 -6.99 -1.58
CA ARG B 22 -21.53 -7.32 -0.14
C ARG B 22 -20.14 -7.51 0.47
N VAL B 23 -20.06 -7.54 1.79
CA VAL B 23 -18.79 -7.66 2.56
C VAL B 23 -18.86 -8.91 3.43
N SER B 24 -17.95 -9.86 3.23
CA SER B 24 -17.81 -11.06 4.09
C SER B 24 -17.35 -10.60 5.48
N PRO B 25 -17.75 -11.29 6.57
CA PRO B 25 -17.25 -10.96 7.90
C PRO B 25 -15.71 -10.92 7.97
N GLU B 26 -15.03 -11.80 7.24
CA GLU B 26 -13.55 -11.93 7.35
C GLU B 26 -12.86 -10.75 6.64
N PHE B 27 -13.55 -10.07 5.72
CA PHE B 27 -13.01 -8.88 5.05
C PHE B 27 -12.79 -7.77 6.07
N TYR B 28 -13.75 -7.54 6.97
CA TYR B 28 -13.65 -6.49 8.02
C TYR B 28 -12.39 -6.74 8.86
N ASP B 29 -12.13 -7.98 9.25
CA ASP B 29 -10.97 -8.38 10.11
C ASP B 29 -9.67 -8.11 9.33
N ALA B 30 -9.62 -8.49 8.05
CA ALA B 30 -8.42 -8.28 7.19
C ALA B 30 -8.20 -6.77 6.99
N LEU B 31 -9.27 -6.00 6.80
CA LEU B 31 -9.18 -4.53 6.60
C LEU B 31 -8.65 -3.88 7.89
N GLU B 32 -9.14 -4.31 9.03
CA GLU B 32 -8.71 -3.82 10.37
C GLU B 32 -7.20 -4.05 10.52
N ALA B 33 -6.70 -5.24 10.14
CA ALA B 33 -5.25 -5.55 10.21
C ALA B 33 -4.45 -4.60 9.30
N GLU B 34 -4.96 -4.29 8.10
CA GLU B 34 -4.28 -3.38 7.14
C GLU B 34 -4.24 -1.95 7.71
N VAL B 35 -5.30 -1.51 8.40
CA VAL B 35 -5.34 -0.16 9.01
C VAL B 35 -4.27 -0.10 10.11
N LYS B 36 -4.17 -1.15 10.94
CA LYS B 36 -3.11 -1.25 11.99
C LYS B 36 -1.74 -1.13 11.31
N ALA B 37 -1.52 -1.85 10.20
CA ALA B 37 -0.25 -1.85 9.45
C ALA B 37 0.06 -0.43 8.94
N LEU B 38 -0.95 0.29 8.39
CA LEU B 38 -0.77 1.69 7.92
C LEU B 38 -0.30 2.56 9.08
N VAL B 39 -0.93 2.43 10.24
CA VAL B 39 -0.61 3.32 11.40
C VAL B 39 0.80 2.99 11.91
N GLU B 40 1.13 1.68 11.99
CA GLU B 40 2.47 1.24 12.46
C GLU B 40 3.54 1.80 11.52
N LYS B 41 3.29 1.77 10.20
CA LYS B 41 4.25 2.26 9.19
C LYS B 41 4.39 3.79 9.35
N ALA B 42 3.29 4.51 9.54
CA ALA B 42 3.28 5.97 9.76
C ALA B 42 4.15 6.31 10.96
N ILE B 43 3.99 5.58 12.06
CA ILE B 43 4.77 5.79 13.31
C ILE B 43 6.26 5.57 13.03
N LYS B 44 6.61 4.54 12.26
CA LYS B 44 8.02 4.23 11.92
C LYS B 44 8.61 5.37 11.06
N ARG B 45 7.81 5.96 10.17
CA ARG B 45 8.26 7.11 9.33
C ARG B 45 8.57 8.30 10.25
N ALA B 46 7.68 8.60 11.20
CA ALA B 46 7.81 9.76 12.12
C ALA B 46 9.04 9.52 13.03
N GLN B 47 9.19 8.29 13.55
CA GLN B 47 10.33 7.92 14.44
C GLN B 47 11.65 8.04 13.67
N ALA B 48 11.69 7.63 12.40
CA ALA B 48 12.90 7.70 11.54
C ALA B 48 13.31 9.17 11.35
N GLU B 49 12.35 10.09 11.39
CA GLU B 49 12.57 11.56 11.25
C GLU B 49 12.97 12.17 12.61
N GLY B 50 12.76 11.46 13.71
CA GLY B 50 12.94 11.98 15.08
C GLY B 50 11.77 12.83 15.54
N ARG B 51 10.59 12.68 14.94
CA ARG B 51 9.38 13.50 15.24
C ARG B 51 8.50 12.76 16.26
N LYS B 52 7.79 13.54 17.09
CA LYS B 52 6.82 13.03 18.08
C LYS B 52 5.42 13.55 17.70
N THR B 53 5.22 13.88 16.42
CA THR B 53 3.87 14.19 15.84
C THR B 53 3.67 13.40 14.54
N LEU B 54 2.52 12.75 14.39
CA LEU B 54 2.09 12.11 13.11
C LEU B 54 1.39 13.16 12.26
N TYR B 55 1.86 13.34 11.03
CA TYR B 55 1.26 14.22 10.01
C TYR B 55 0.61 13.38 8.92
N ALA B 56 -0.26 14.00 8.11
CA ALA B 56 -0.87 13.40 6.92
C ALA B 56 0.22 12.76 6.05
N ARG B 57 1.36 13.43 5.87
CA ARG B 57 2.45 12.94 4.97
C ARG B 57 3.09 11.65 5.50
N HIS B 58 2.89 11.26 6.77
CA HIS B 58 3.42 9.98 7.32
C HIS B 58 2.56 8.78 6.91
N VAL B 59 1.30 8.99 6.48
CA VAL B 59 0.34 7.91 6.09
C VAL B 59 0.81 7.27 4.78
N ALA C 2 18.43 -10.89 -8.11
CA ALA C 2 17.76 -10.46 -6.84
C ALA C 2 16.96 -9.18 -7.08
N GLU C 3 17.61 -8.19 -7.71
CA GLU C 3 17.07 -6.82 -7.93
C GLU C 3 16.11 -6.81 -9.12
N MET C 4 14.85 -6.44 -8.90
CA MET C 4 13.83 -6.30 -9.97
C MET C 4 13.87 -4.92 -10.61
N LEU C 5 14.41 -3.90 -9.91
CA LEU C 5 14.41 -2.49 -10.38
C LEU C 5 15.74 -2.16 -11.06
N VAL C 6 15.69 -1.28 -12.07
CA VAL C 6 16.87 -0.60 -12.67
C VAL C 6 16.96 0.78 -12.02
N LYS C 7 18.00 1.01 -11.22
CA LYS C 7 18.12 2.25 -10.40
C LYS C 7 18.13 3.48 -11.32
N SER C 8 18.84 3.43 -12.45
CA SER C 8 18.92 4.57 -13.41
C SER C 8 17.51 4.92 -13.91
N LYS C 9 16.63 3.92 -14.10
CA LYS C 9 15.24 4.10 -14.59
C LYS C 9 14.37 4.70 -13.48
N VAL C 10 14.59 4.29 -12.24
CA VAL C 10 13.92 4.90 -11.05
C VAL C 10 14.30 6.39 -11.02
N LYS C 11 15.60 6.70 -11.14
CA LYS C 11 16.12 8.09 -11.11
C LYS C 11 15.44 8.90 -12.22
N GLU C 12 15.41 8.36 -13.45
CA GLU C 12 14.80 9.00 -14.64
C GLU C 12 13.32 9.27 -14.35
N PHE C 13 12.60 8.30 -13.79
CA PHE C 13 11.16 8.46 -13.48
C PHE C 13 10.97 9.59 -12.46
N VAL C 14 11.75 9.58 -11.38
CA VAL C 14 11.68 10.63 -10.32
C VAL C 14 11.86 12.01 -10.98
N LYS C 15 12.84 12.16 -11.88
CA LYS C 15 13.14 13.44 -12.55
C LYS C 15 11.94 13.86 -13.39
N SER C 16 11.24 12.91 -14.03
CA SER C 16 10.05 13.18 -14.88
C SER C 16 8.92 13.76 -14.03
N VAL C 17 8.84 13.38 -12.74
CA VAL C 17 7.79 13.87 -11.79
C VAL C 17 8.26 15.20 -11.16
N ASP C 18 9.47 15.24 -10.62
CA ASP C 18 10.02 16.43 -9.94
C ASP C 18 11.48 16.61 -10.36
N PRO C 19 11.78 17.55 -11.28
CA PRO C 19 13.15 17.82 -11.72
C PRO C 19 14.17 18.15 -10.62
N GLU C 20 13.74 18.65 -9.46
CA GLU C 20 14.65 19.09 -8.36
C GLU C 20 14.85 17.96 -7.33
N MET C 21 14.11 16.85 -7.45
CA MET C 21 14.14 15.77 -6.43
C MET C 21 15.33 14.86 -6.72
N ARG C 22 16.20 14.67 -5.73
CA ARG C 22 17.35 13.72 -5.81
C ARG C 22 16.99 12.47 -5.01
N VAL C 23 17.77 11.40 -5.18
CA VAL C 23 17.46 10.05 -4.62
C VAL C 23 18.65 9.59 -3.78
N SER C 24 18.47 9.36 -2.48
CA SER C 24 19.50 8.78 -1.60
C SER C 24 19.70 7.32 -2.03
N PRO C 25 20.91 6.75 -1.89
CA PRO C 25 21.12 5.33 -2.16
C PRO C 25 20.14 4.42 -1.39
N GLU C 26 19.79 4.77 -0.15
CA GLU C 26 18.92 3.94 0.71
C GLU C 26 17.49 3.90 0.17
N PHE C 27 17.07 4.92 -0.57
CA PHE C 27 15.71 4.95 -1.17
C PHE C 27 15.58 3.78 -2.17
N TYR C 28 16.57 3.56 -3.02
CA TYR C 28 16.53 2.48 -4.04
C TYR C 28 16.31 1.13 -3.35
N ASP C 29 17.04 0.88 -2.24
CA ASP C 29 16.97 -0.39 -1.48
C ASP C 29 15.58 -0.52 -0.85
N ALA C 30 15.05 0.55 -0.26
CA ALA C 30 13.71 0.56 0.38
C ALA C 30 12.65 0.32 -0.69
N LEU C 31 12.79 0.94 -1.87
CA LEU C 31 11.80 0.78 -2.97
C LEU C 31 11.83 -0.69 -3.44
N GLU C 32 13.01 -1.27 -3.61
CA GLU C 32 13.19 -2.68 -4.01
C GLU C 32 12.47 -3.60 -3.01
N ALA C 33 12.64 -3.36 -1.70
CA ALA C 33 11.99 -4.16 -0.64
C ALA C 33 10.47 -4.07 -0.77
N GLU C 34 9.94 -2.88 -1.05
CA GLU C 34 8.47 -2.65 -1.14
C GLU C 34 7.93 -3.36 -2.38
N VAL C 35 8.69 -3.38 -3.48
CA VAL C 35 8.25 -4.10 -4.72
C VAL C 35 8.19 -5.59 -4.42
N LYS C 36 9.20 -6.14 -3.73
CA LYS C 36 9.18 -7.57 -3.29
C LYS C 36 7.92 -7.81 -2.44
N ALA C 37 7.60 -6.91 -1.51
CA ALA C 37 6.41 -7.03 -0.64
C ALA C 37 5.12 -7.01 -1.48
N LEU C 38 5.02 -6.14 -2.49
CA LEU C 38 3.84 -6.10 -3.41
C LEU C 38 3.70 -7.45 -4.12
N VAL C 39 4.80 -8.00 -4.61
CA VAL C 39 4.75 -9.28 -5.40
C VAL C 39 4.38 -10.42 -4.44
N GLU C 40 4.93 -10.43 -3.24
CA GLU C 40 4.64 -11.49 -2.22
C GLU C 40 3.15 -11.43 -1.87
N LYS C 41 2.58 -10.23 -1.73
CA LYS C 41 1.14 -10.02 -1.44
C LYS C 41 0.32 -10.57 -2.62
N ALA C 42 0.69 -10.24 -3.85
CA ALA C 42 0.00 -10.72 -5.07
C ALA C 42 0.00 -12.25 -5.10
N ILE C 43 1.14 -12.87 -4.79
CA ILE C 43 1.29 -14.35 -4.76
C ILE C 43 0.32 -14.94 -3.72
N LYS C 44 0.22 -14.31 -2.55
CA LYS C 44 -0.67 -14.81 -1.46
C LYS C 44 -2.13 -14.68 -1.89
N ARG C 45 -2.48 -13.63 -2.64
CA ARG C 45 -3.87 -13.45 -3.17
C ARG C 45 -4.17 -14.61 -4.13
N ALA C 46 -3.25 -14.92 -5.05
CA ALA C 46 -3.44 -15.97 -6.07
C ALA C 46 -3.56 -17.33 -5.39
N GLN C 47 -2.67 -17.60 -4.42
CA GLN C 47 -2.65 -18.88 -3.68
C GLN C 47 -3.96 -19.05 -2.89
N ALA C 48 -4.47 -17.99 -2.27
CA ALA C 48 -5.71 -18.02 -1.47
C ALA C 48 -6.91 -18.38 -2.36
N GLU C 49 -6.84 -17.99 -3.63
CA GLU C 49 -7.90 -18.23 -4.65
C GLU C 49 -7.75 -19.63 -5.24
N GLY C 50 -6.58 -20.27 -5.07
CA GLY C 50 -6.25 -21.57 -5.68
C GLY C 50 -5.82 -21.41 -7.13
N ARG C 51 -5.32 -20.25 -7.52
CA ARG C 51 -4.78 -19.98 -8.89
C ARG C 51 -3.27 -20.25 -8.90
N LYS C 52 -2.74 -20.75 -10.03
CA LYS C 52 -1.30 -20.99 -10.23
C LYS C 52 -0.77 -20.04 -11.31
N THR C 53 -1.50 -18.96 -11.59
CA THR C 53 -1.09 -17.83 -12.45
C THR C 53 -1.37 -16.50 -11.73
N LEU C 54 -0.43 -15.57 -11.78
CA LEU C 54 -0.60 -14.18 -11.31
C LEU C 54 -1.25 -13.35 -12.42
N TYR C 55 -2.39 -12.72 -12.10
CA TYR C 55 -3.12 -11.80 -13.01
C TYR C 55 -2.95 -10.37 -12.51
N ALA C 56 -3.26 -9.39 -13.36
CA ALA C 56 -3.26 -7.94 -13.01
C ALA C 56 -4.07 -7.74 -11.73
N ARG C 57 -5.21 -8.41 -11.60
CA ARG C 57 -6.13 -8.20 -10.45
C ARG C 57 -5.51 -8.69 -9.13
N HIS C 58 -4.42 -9.46 -9.14
CA HIS C 58 -3.74 -9.92 -7.89
C HIS C 58 -2.83 -8.83 -7.31
N VAL C 59 -2.47 -7.82 -8.09
CA VAL C 59 -1.49 -6.77 -7.69
C VAL C 59 -2.16 -5.81 -6.70
N GLU D 3 10.06 2.17 -18.22
CA GLU D 3 9.92 0.90 -17.44
C GLU D 3 11.03 0.83 -16.37
N MET D 4 10.66 0.77 -15.11
CA MET D 4 11.62 0.65 -13.96
C MET D 4 11.94 -0.81 -13.67
N LEU D 5 11.07 -1.75 -14.05
CA LEU D 5 11.22 -3.20 -13.69
C LEU D 5 11.88 -3.95 -14.84
N VAL D 6 12.67 -4.98 -14.50
CA VAL D 6 13.18 -6.02 -15.44
C VAL D 6 12.26 -7.24 -15.33
N LYS D 7 11.49 -7.53 -16.36
CA LYS D 7 10.44 -8.59 -16.31
C LYS D 7 11.08 -9.95 -15.98
N SER D 8 12.24 -10.28 -16.55
CA SER D 8 12.94 -11.57 -16.28
C SER D 8 13.26 -11.68 -14.79
N LYS D 9 13.60 -10.57 -14.13
CA LYS D 9 13.97 -10.53 -12.69
C LYS D 9 12.70 -10.68 -11.84
N VAL D 10 11.59 -10.10 -12.28
CA VAL D 10 10.27 -10.30 -11.61
C VAL D 10 9.93 -11.78 -11.68
N LYS D 11 10.08 -12.41 -12.85
CA LYS D 11 9.76 -13.85 -13.06
C LYS D 11 10.63 -14.68 -12.10
N GLU D 12 11.94 -14.41 -12.07
CA GLU D 12 12.93 -15.10 -11.20
C GLU D 12 12.50 -14.94 -9.73
N PHE D 13 12.12 -13.74 -9.31
CA PHE D 13 11.70 -13.48 -7.91
C PHE D 13 10.45 -14.31 -7.58
N VAL D 14 9.44 -14.29 -8.46
CA VAL D 14 8.18 -15.07 -8.28
C VAL D 14 8.55 -16.55 -8.07
N LYS D 15 9.46 -17.08 -8.90
CA LYS D 15 9.87 -18.52 -8.83
C LYS D 15 10.51 -18.79 -7.47
N SER D 16 11.30 -17.85 -6.95
CA SER D 16 11.99 -17.97 -5.64
C SER D 16 10.97 -18.07 -4.50
N VAL D 17 9.78 -17.44 -4.64
CA VAL D 17 8.70 -17.47 -3.61
C VAL D 17 7.83 -18.73 -3.84
N ASP D 18 7.36 -18.96 -5.07
CA ASP D 18 6.48 -20.09 -5.41
C ASP D 18 6.90 -20.68 -6.75
N PRO D 19 7.63 -21.82 -6.75
CA PRO D 19 8.07 -22.45 -7.98
C PRO D 19 6.97 -22.84 -9.00
N GLU D 20 5.72 -23.00 -8.55
CA GLU D 20 4.59 -23.47 -9.42
C GLU D 20 3.79 -22.26 -9.94
N MET D 21 4.09 -21.05 -9.47
CA MET D 21 3.31 -19.85 -9.85
C MET D 21 3.79 -19.35 -11.22
N ARG D 22 2.87 -19.17 -12.17
CA ARG D 22 3.14 -18.57 -13.49
C ARG D 22 2.81 -17.07 -13.44
N VAL D 23 3.36 -16.30 -14.34
CA VAL D 23 3.12 -14.82 -14.42
C VAL D 23 2.49 -14.49 -15.77
N SER D 24 1.25 -14.01 -15.77
CA SER D 24 0.56 -13.50 -16.99
C SER D 24 1.31 -12.27 -17.47
N PRO D 25 1.37 -12.01 -18.79
CA PRO D 25 1.98 -10.78 -19.30
C PRO D 25 1.38 -9.51 -18.67
N GLU D 26 0.08 -9.51 -18.37
CA GLU D 26 -0.63 -8.31 -17.85
C GLU D 26 -0.18 -8.01 -16.41
N PHE D 27 0.30 -9.01 -15.68
CA PHE D 27 0.79 -8.83 -14.30
C PHE D 27 1.98 -7.87 -14.30
N TYR D 28 2.93 -8.06 -15.22
CA TYR D 28 4.15 -7.21 -15.31
C TYR D 28 3.75 -5.74 -15.45
N ASP D 29 2.79 -5.47 -16.35
CA ASP D 29 2.31 -4.10 -16.64
C ASP D 29 1.62 -3.52 -15.41
N ALA D 30 0.79 -4.31 -14.73
CA ALA D 30 0.06 -3.87 -13.51
C ALA D 30 1.08 -3.59 -12.39
N LEU D 31 2.12 -4.43 -12.26
CA LEU D 31 3.16 -4.25 -11.22
C LEU D 31 3.93 -2.95 -11.51
N GLU D 32 4.28 -2.71 -12.77
CA GLU D 32 4.99 -1.47 -13.20
C GLU D 32 4.15 -0.25 -12.80
N ALA D 33 2.83 -0.26 -13.03
CA ALA D 33 1.94 0.87 -12.69
C ALA D 33 1.95 1.10 -11.17
N GLU D 34 1.94 0.02 -10.39
CA GLU D 34 1.92 0.11 -8.89
C GLU D 34 3.26 0.69 -8.40
N VAL D 35 4.37 0.33 -9.04
CA VAL D 35 5.71 0.86 -8.66
C VAL D 35 5.75 2.36 -8.95
N LYS D 36 5.23 2.79 -10.10
CA LYS D 36 5.11 4.23 -10.44
C LYS D 36 4.30 4.94 -9.33
N ALA D 37 3.17 4.34 -8.92
CA ALA D 37 2.30 4.90 -7.86
C ALA D 37 3.07 5.01 -6.53
N LEU D 38 3.86 3.98 -6.16
CA LEU D 38 4.70 4.01 -4.93
C LEU D 38 5.68 5.19 -5.01
N VAL D 39 6.33 5.39 -6.14
CA VAL D 39 7.38 6.43 -6.28
C VAL D 39 6.70 7.79 -6.24
N GLU D 40 5.54 7.95 -6.90
CA GLU D 40 4.80 9.23 -6.91
C GLU D 40 4.39 9.57 -5.47
N LYS D 41 3.94 8.58 -4.70
CA LYS D 41 3.54 8.78 -3.28
C LYS D 41 4.77 9.20 -2.47
N ALA D 42 5.90 8.53 -2.66
CA ALA D 42 7.18 8.84 -1.96
C ALA D 42 7.58 10.30 -2.25
N ILE D 43 7.48 10.73 -3.50
CA ILE D 43 7.81 12.11 -3.92
C ILE D 43 6.88 13.10 -3.20
N LYS D 44 5.59 12.78 -3.10
CA LYS D 44 4.59 13.67 -2.43
C LYS D 44 4.92 13.75 -0.93
N ARG D 45 5.38 12.65 -0.32
CA ARG D 45 5.80 12.64 1.12
C ARG D 45 6.99 13.58 1.30
N ALA D 46 8.00 13.49 0.42
CA ALA D 46 9.24 14.30 0.51
C ALA D 46 8.88 15.77 0.30
N GLN D 47 8.05 16.07 -0.70
CA GLN D 47 7.61 17.46 -1.01
C GLN D 47 6.83 18.05 0.19
N ALA D 48 5.96 17.26 0.82
CA ALA D 48 5.16 17.70 1.99
C ALA D 48 6.08 18.03 3.16
N GLU D 49 7.23 17.36 3.26
CA GLU D 49 8.24 17.55 4.32
C GLU D 49 9.14 18.75 3.99
N GLY D 50 9.16 19.19 2.73
CA GLY D 50 10.06 20.25 2.23
C GLY D 50 11.46 19.70 1.96
N ARG D 51 11.59 18.39 1.70
CA ARG D 51 12.88 17.75 1.33
C ARG D 51 13.02 17.70 -0.20
N LYS D 52 14.25 17.80 -0.71
CA LYS D 52 14.56 17.65 -2.15
C LYS D 52 15.40 16.39 -2.38
N THR D 53 15.34 15.45 -1.43
CA THR D 53 15.97 14.11 -1.49
C THR D 53 14.97 13.05 -1.01
N LEU D 54 14.86 11.93 -1.73
CA LEU D 54 14.08 10.75 -1.31
C LEU D 54 14.92 9.87 -0.37
N TYR D 55 14.36 9.56 0.79
CA TYR D 55 14.94 8.63 1.80
C TYR D 55 14.10 7.37 1.87
N ALA D 56 14.64 6.32 2.49
CA ALA D 56 13.96 5.03 2.74
C ALA D 56 12.58 5.30 3.36
N ARG D 57 12.52 6.22 4.34
CA ARG D 57 11.29 6.48 5.11
C ARG D 57 10.19 7.09 4.23
N HIS D 58 10.49 7.59 3.03
CA HIS D 58 9.47 8.15 2.09
C HIS D 58 8.71 7.05 1.35
N VAL D 59 9.26 5.84 1.28
CA VAL D 59 8.66 4.69 0.52
C VAL D 59 7.41 4.21 1.27
#